data_7RUL
#
_entry.id   7RUL
#
_entity_poly.entity_id   1
_entity_poly.type   'polypeptide(L)'
_entity_poly.pdbx_seq_one_letter_code
;INLKILARLAKKIL(NH2)
;
_entity_poly.pdbx_strand_id   A
#
# COMPACT_ATOMS: atom_id res chain seq x y z
N ILE A 1 -5.01 -1.43 -11.80
CA ILE A 1 -3.91 -2.13 -11.10
C ILE A 1 -4.06 -1.91 -9.58
N ASN A 2 -3.81 -2.95 -8.75
CA ASN A 2 -4.02 -2.81 -7.32
C ASN A 2 -2.67 -2.86 -6.58
N LEU A 3 -1.60 -2.96 -7.35
CA LEU A 3 -0.27 -3.03 -6.81
C LEU A 3 0.12 -1.73 -6.14
N LYS A 4 -0.14 -0.63 -6.82
CA LYS A 4 0.20 0.70 -6.31
C LYS A 4 -0.47 0.98 -4.98
N ILE A 5 -1.70 0.51 -4.85
CA ILE A 5 -2.46 0.68 -3.60
C ILE A 5 -1.67 0.08 -2.41
N LEU A 6 -0.96 -1.02 -2.66
CA LEU A 6 -0.22 -1.71 -1.57
C LEU A 6 0.90 -0.82 -1.01
N ALA A 7 1.47 0.05 -1.83
CA ALA A 7 2.61 0.86 -1.38
C ALA A 7 2.17 1.87 -0.31
N ARG A 8 0.91 2.26 -0.35
CA ARG A 8 0.39 3.21 0.72
C ARG A 8 -0.23 2.41 1.86
N LEU A 9 -0.83 1.26 1.53
CA LEU A 9 -1.42 0.40 2.54
C LEU A 9 -0.34 -0.20 3.44
N ALA A 10 0.81 -0.47 2.86
CA ALA A 10 1.96 -0.97 3.64
C ALA A 10 2.40 0.04 4.68
N LYS A 11 2.49 1.31 4.29
CA LYS A 11 2.86 2.38 5.21
C LYS A 11 1.83 2.57 6.33
N LYS A 12 0.56 2.34 6.03
CA LYS A 12 -0.52 2.50 7.02
C LYS A 12 -0.33 1.56 8.22
N ILE A 13 0.29 0.42 8.00
CA ILE A 13 0.45 -0.56 9.07
C ILE A 13 1.90 -0.62 9.55
N LEU A 14 2.52 0.55 9.65
CA LEU A 14 3.89 0.65 10.15
C LEU A 14 3.91 1.40 11.48
N ILE A 1 -4.67 -1.68 -13.10
CA ILE A 1 -3.63 -2.08 -12.14
C ILE A 1 -4.01 -1.63 -10.73
N ASN A 2 -3.87 -2.50 -9.72
CA ASN A 2 -4.12 -2.10 -8.34
C ASN A 2 -3.03 -2.66 -7.45
N LEU A 3 -1.82 -2.72 -7.99
CA LEU A 3 -0.67 -3.22 -7.28
C LEU A 3 -0.14 -2.15 -6.32
N LYS A 4 -0.07 -0.93 -6.80
CA LYS A 4 0.46 0.20 -6.04
C LYS A 4 -0.43 0.49 -4.83
N ILE A 5 -1.64 -0.05 -4.81
CA ILE A 5 -2.57 0.17 -3.71
C ILE A 5 -1.93 -0.23 -2.37
N LEU A 6 -1.16 -1.32 -2.40
CA LEU A 6 -0.55 -1.85 -1.15
C LEU A 6 0.59 -0.96 -0.66
N ALA A 7 1.05 -0.02 -1.47
CA ALA A 7 2.20 0.81 -1.10
C ALA A 7 1.81 1.81 -0.02
N ARG A 8 0.53 2.16 0.03
CA ARG A 8 0.06 3.12 1.12
C ARG A 8 -0.42 2.31 2.31
N LEU A 9 -1.01 1.16 2.02
CA LEU A 9 -1.47 0.25 3.07
C LEU A 9 -0.29 -0.26 3.88
N ALA A 10 0.83 -0.49 3.22
CA ALA A 10 2.06 -0.91 3.89
C ALA A 10 2.53 0.15 4.88
N LYS A 11 2.60 1.39 4.43
CA LYS A 11 3.01 2.50 5.27
C LYS A 11 2.07 2.70 6.45
N LYS A 12 0.78 2.45 6.24
CA LYS A 12 -0.21 2.59 7.32
C LYS A 12 0.05 1.60 8.45
N ILE A 13 0.57 0.42 8.15
CA ILE A 13 0.89 -0.57 9.18
C ILE A 13 2.15 -0.16 9.98
N LEU A 14 2.82 0.90 9.57
CA LEU A 14 4.09 1.27 10.17
C LEU A 14 4.01 2.65 10.80
N ILE A 1 -1.06 -1.37 -13.24
CA ILE A 1 -0.76 -2.24 -12.08
C ILE A 1 -1.61 -1.78 -10.86
N ASN A 2 -2.12 -2.72 -10.07
CA ASN A 2 -2.98 -2.34 -8.94
C ASN A 2 -2.28 -2.64 -7.61
N LEU A 3 -1.08 -3.21 -7.71
CA LEU A 3 -0.32 -3.60 -6.53
C LEU A 3 0.16 -2.38 -5.76
N LYS A 4 0.54 -1.34 -6.47
CA LYS A 4 1.11 -0.15 -5.88
C LYS A 4 0.10 0.58 -4.99
N ILE A 5 -1.17 0.36 -5.27
CA ILE A 5 -2.25 0.94 -4.46
C ILE A 5 -2.14 0.46 -3.00
N LEU A 6 -1.68 -0.77 -2.80
CA LEU A 6 -1.53 -1.32 -1.43
C LEU A 6 -0.37 -0.63 -0.69
N ALA A 7 0.46 0.13 -1.39
CA ALA A 7 1.65 0.74 -0.77
C ALA A 7 1.26 1.86 0.20
N ARG A 8 0.01 2.29 0.14
CA ARG A 8 -0.45 3.35 1.14
C ARG A 8 -1.04 2.64 2.36
N LEU A 9 -1.61 1.46 2.13
CA LEU A 9 -2.11 0.64 3.22
C LEU A 9 -0.92 0.06 3.99
N ALA A 10 0.07 -0.43 3.24
CA ALA A 10 1.30 -0.96 3.82
C ALA A 10 2.05 0.12 4.59
N LYS A 11 2.00 1.35 4.09
CA LYS A 11 2.59 2.51 4.76
C LYS A 11 2.01 2.67 6.17
N LYS A 12 0.71 2.40 6.30
CA LYS A 12 0.04 2.46 7.60
C LYS A 12 0.58 1.41 8.57
N ILE A 13 1.10 0.29 8.06
CA ILE A 13 1.57 -0.80 8.88
C ILE A 13 3.06 -0.64 9.17
N LEU A 14 3.46 0.57 9.56
CA LEU A 14 4.84 0.85 9.93
C LEU A 14 4.93 1.16 11.42
N ILE A 1 -4.69 -2.92 -12.74
CA ILE A 1 -3.63 -3.15 -11.74
C ILE A 1 -3.93 -2.37 -10.45
N ASN A 2 -3.85 -3.01 -9.28
CA ASN A 2 -4.07 -2.32 -8.01
C ASN A 2 -2.95 -2.65 -7.05
N LEU A 3 -1.77 -2.89 -7.61
CA LEU A 3 -0.61 -3.27 -6.83
C LEU A 3 -0.04 -2.07 -6.09
N LYS A 4 0.13 -0.96 -6.79
CA LYS A 4 0.69 0.25 -6.21
C LYS A 4 -0.18 0.78 -5.07
N ILE A 5 -1.45 0.36 -5.07
CA ILE A 5 -2.37 0.73 -4.00
C ILE A 5 -1.81 0.31 -2.63
N LEU A 6 -1.23 -0.88 -2.57
CA LEU A 6 -0.71 -1.41 -1.28
C LEU A 6 0.50 -0.61 -0.80
N ALA A 7 1.09 0.21 -1.66
CA ALA A 7 2.29 0.97 -1.29
C ALA A 7 1.96 2.03 -0.25
N ARG A 8 0.74 2.55 -0.29
CA ARG A 8 0.34 3.62 0.73
C ARG A 8 -0.33 2.95 1.92
N LEU A 9 -0.99 1.83 1.67
CA LEU A 9 -1.65 1.08 2.73
C LEU A 9 -0.62 0.46 3.66
N ALA A 10 0.52 0.09 3.08
CA ALA A 10 1.64 -0.46 3.86
C ALA A 10 2.14 0.53 4.91
N LYS A 11 2.06 1.83 4.61
CA LYS A 11 2.50 2.86 5.56
C LYS A 11 1.71 2.80 6.87
N LYS A 12 0.42 2.48 6.77
CA LYS A 12 -0.43 2.33 7.96
C LYS A 12 0.01 1.14 8.82
N ILE A 13 0.60 0.12 8.20
CA ILE A 13 1.01 -1.08 8.91
C ILE A 13 2.54 -1.11 9.08
N LEU A 14 3.10 -0.03 9.60
CA LEU A 14 4.53 0.03 9.88
C LEU A 14 4.78 -0.03 11.37
N ILE A 1 -3.93 -2.77 -13.06
CA ILE A 1 -3.25 -3.29 -11.86
C ILE A 1 -3.63 -2.42 -10.66
N ASN A 2 -3.55 -2.97 -9.46
CA ASN A 2 -3.91 -2.23 -8.25
C ASN A 2 -2.85 -2.43 -7.20
N LEU A 3 -1.63 -2.68 -7.68
CA LEU A 3 -0.49 -2.94 -6.83
C LEU A 3 -0.15 -1.73 -5.97
N LYS A 4 -0.10 -0.56 -6.59
CA LYS A 4 0.30 0.65 -5.91
C LYS A 4 -0.67 1.01 -4.78
N ILE A 5 -1.89 0.51 -4.88
CA ILE A 5 -2.88 0.71 -3.83
C ILE A 5 -2.35 0.17 -2.49
N LEU A 6 -1.66 -0.98 -2.55
CA LEU A 6 -1.13 -1.59 -1.31
C LEU A 6 0.15 -0.89 -0.84
N ALA A 7 0.75 -0.03 -1.68
CA ALA A 7 2.08 0.52 -1.36
C ALA A 7 1.96 1.62 -0.30
N ARG A 8 0.87 2.36 -0.33
CA ARG A 8 0.68 3.43 0.73
C ARG A 8 -0.08 2.85 1.90
N LEU A 9 -0.89 1.83 1.64
CA LEU A 9 -1.57 1.10 2.71
C LEU A 9 -0.54 0.46 3.65
N ALA A 10 0.54 -0.05 3.06
CA ALA A 10 1.62 -0.67 3.81
C ALA A 10 2.28 0.31 4.80
N LYS A 11 2.25 1.60 4.47
CA LYS A 11 2.79 2.63 5.36
C LYS A 11 2.03 2.68 6.69
N LYS A 12 0.74 2.36 6.66
CA LYS A 12 -0.05 2.26 7.89
C LYS A 12 0.44 1.12 8.79
N ILE A 13 0.99 0.06 8.20
CA ILE A 13 1.47 -1.07 8.96
C ILE A 13 2.93 -0.86 9.32
N LEU A 14 3.82 -1.04 8.35
CA LEU A 14 5.25 -0.89 8.58
C LEU A 14 5.79 0.25 7.73
N ILE A 1 -3.98 -1.11 -12.59
CA ILE A 1 -3.09 -1.84 -11.68
C ILE A 1 -3.67 -1.78 -10.25
N ASN A 2 -3.48 -2.83 -9.44
CA ASN A 2 -4.02 -2.81 -8.06
C ASN A 2 -2.88 -2.99 -7.07
N LEU A 3 -1.65 -2.95 -7.58
CA LEU A 3 -0.46 -3.15 -6.80
C LEU A 3 -0.17 -1.94 -5.92
N LYS A 4 -0.28 -0.75 -6.50
CA LYS A 4 0.02 0.49 -5.80
C LYS A 4 -0.88 0.69 -4.58
N ILE A 5 -2.02 0.01 -4.57
CA ILE A 5 -2.93 0.05 -3.42
C ILE A 5 -2.18 -0.37 -2.15
N LEU A 6 -1.34 -1.39 -2.27
CA LEU A 6 -0.59 -1.91 -1.11
C LEU A 6 0.57 -0.98 -0.73
N ALA A 7 0.92 -0.02 -1.59
CA ALA A 7 2.12 0.81 -1.35
C ALA A 7 1.85 1.81 -0.23
N ARG A 8 0.65 2.35 -0.17
CA ARG A 8 0.34 3.34 0.93
C ARG A 8 -0.25 2.60 2.13
N LEU A 9 -0.90 1.47 1.86
CA LEU A 9 -1.42 0.62 2.94
C LEU A 9 -0.27 0.10 3.79
N ALA A 10 0.82 -0.28 3.12
CA ALA A 10 2.03 -0.73 3.82
C ALA A 10 2.54 0.35 4.76
N LYS A 11 2.61 1.58 4.26
CA LYS A 11 3.03 2.72 5.07
C LYS A 11 2.09 2.95 6.26
N LYS A 12 0.79 2.76 6.02
CA LYS A 12 -0.20 2.87 7.10
C LYS A 12 -0.01 1.78 8.18
N ILE A 13 0.44 0.60 7.76
CA ILE A 13 0.60 -0.51 8.69
C ILE A 13 2.07 -0.73 9.01
N LEU A 14 2.73 0.31 9.51
CA LEU A 14 4.12 0.21 9.91
C LEU A 14 4.23 0.34 11.42
N ILE A 1 -6.05 -2.92 -10.93
CA ILE A 1 -4.77 -3.28 -10.29
C ILE A 1 -4.55 -2.40 -9.04
N ASN A 2 -3.95 -2.96 -7.99
CA ASN A 2 -3.73 -2.19 -6.77
C ASN A 2 -2.28 -2.32 -6.36
N LEU A 3 -1.43 -2.45 -7.35
CA LEU A 3 0.00 -2.59 -7.16
C LEU A 3 0.56 -1.37 -6.42
N LYS A 4 0.38 -0.19 -6.99
CA LYS A 4 0.84 1.02 -6.36
C LYS A 4 0.01 1.37 -5.13
N ILE A 5 -1.27 1.02 -5.18
CA ILE A 5 -2.16 1.20 -4.03
C ILE A 5 -1.59 0.48 -2.80
N LEU A 6 -0.98 -0.68 -3.03
CA LEU A 6 -0.43 -1.51 -1.92
C LEU A 6 0.78 -0.84 -1.26
N ALA A 7 1.35 0.18 -1.90
CA ALA A 7 2.56 0.83 -1.37
C ALA A 7 2.19 1.73 -0.20
N ARG A 8 0.98 2.28 -0.21
CA ARG A 8 0.55 3.14 0.97
C ARG A 8 -0.17 2.26 1.97
N LEU A 9 -0.80 1.20 1.47
CA LEU A 9 -1.47 0.24 2.34
C LEU A 9 -0.46 -0.41 3.28
N ALA A 10 0.71 -0.71 2.74
CA ALA A 10 1.81 -1.26 3.54
C ALA A 10 2.24 -0.28 4.63
N LYS A 11 2.45 0.98 4.24
CA LYS A 11 2.87 2.00 5.18
C LYS A 11 1.80 2.30 6.24
N LYS A 12 0.53 2.06 5.91
CA LYS A 12 -0.55 2.19 6.89
C LYS A 12 -0.35 1.23 8.07
N ILE A 13 0.33 0.12 7.84
CA ILE A 13 0.57 -0.86 8.90
C ILE A 13 1.77 -0.45 9.77
N LEU A 14 2.24 0.78 9.62
CA LEU A 14 3.44 1.23 10.33
C LEU A 14 3.08 2.26 11.38
N ILE A 1 -5.12 -3.40 -12.51
CA ILE A 1 -4.08 -3.65 -11.48
C ILE A 1 -4.14 -2.56 -10.42
N ASN A 2 -3.81 -2.88 -9.17
CA ASN A 2 -3.81 -1.90 -8.08
C ASN A 2 -2.61 -2.13 -7.19
N LEU A 3 -1.57 -2.69 -7.80
CA LEU A 3 -0.34 -3.05 -7.09
C LEU A 3 0.22 -1.87 -6.30
N LYS A 4 0.39 -0.73 -6.94
CA LYS A 4 0.99 0.43 -6.30
C LYS A 4 0.08 1.04 -5.24
N ILE A 5 -1.20 0.67 -5.26
CA ILE A 5 -2.16 1.12 -4.26
C ILE A 5 -1.77 0.60 -2.86
N LEU A 6 -1.26 -0.62 -2.79
CA LEU A 6 -0.90 -1.23 -1.48
C LEU A 6 0.28 -0.49 -0.83
N ALA A 7 0.96 0.37 -1.58
CA ALA A 7 2.12 1.10 -1.02
C ALA A 7 1.67 2.01 0.12
N ARG A 8 0.41 2.44 0.10
CA ARG A 8 -0.08 3.34 1.21
C ARG A 8 -0.67 2.49 2.32
N LEU A 9 -1.19 1.33 1.94
CA LEU A 9 -1.74 0.38 2.91
C LEU A 9 -0.65 -0.18 3.80
N ALA A 10 0.48 -0.50 3.18
CA ALA A 10 1.65 -1.00 3.91
C ALA A 10 2.20 0.06 4.88
N LYS A 11 2.26 1.30 4.42
CA LYS A 11 2.75 2.39 5.27
C LYS A 11 1.85 2.64 6.47
N LYS A 12 0.55 2.37 6.33
CA LYS A 12 -0.38 2.49 7.47
C LYS A 12 -0.03 1.53 8.61
N ILE A 13 0.62 0.43 8.28
CA ILE A 13 0.96 -0.58 9.29
C ILE A 13 2.47 -0.74 9.42
N LEU A 14 3.14 0.34 9.75
CA LEU A 14 4.60 0.31 9.93
C LEU A 14 4.94 0.25 11.41
N ILE A 1 -5.34 -3.17 -12.58
CA ILE A 1 -4.12 -3.28 -11.72
C ILE A 1 -4.30 -2.41 -10.46
N ASN A 2 -3.95 -2.93 -9.27
CA ASN A 2 -4.01 -2.13 -8.05
C ASN A 2 -2.75 -2.37 -7.24
N LEU A 3 -1.68 -2.70 -7.94
CA LEU A 3 -0.40 -3.07 -7.35
C LEU A 3 0.15 -1.96 -6.44
N LYS A 4 0.22 -0.74 -6.97
CA LYS A 4 0.81 0.37 -6.22
C LYS A 4 -0.09 0.83 -5.08
N ILE A 5 -1.36 0.44 -5.11
CA ILE A 5 -2.29 0.80 -4.04
C ILE A 5 -1.78 0.32 -2.67
N LEU A 6 -1.23 -0.89 -2.64
CA LEU A 6 -0.76 -1.48 -1.37
C LEU A 6 0.48 -0.75 -0.83
N ALA A 7 1.11 0.08 -1.65
CA ALA A 7 2.34 0.77 -1.22
C ALA A 7 2.02 1.84 -0.19
N ARG A 8 0.82 2.40 -0.27
CA ARG A 8 0.42 3.47 0.74
C ARG A 8 -0.29 2.78 1.90
N LEU A 9 -0.95 1.67 1.62
CA LEU A 9 -1.61 0.89 2.67
C LEU A 9 -0.57 0.28 3.59
N ALA A 10 0.58 -0.07 3.02
CA ALA A 10 1.70 -0.63 3.79
C ALA A 10 2.17 0.34 4.88
N LYS A 11 2.14 1.64 4.58
CA LYS A 11 2.54 2.67 5.55
C LYS A 11 1.67 2.63 6.81
N LYS A 12 0.42 2.18 6.67
CA LYS A 12 -0.52 2.16 7.79
C LYS A 12 -0.10 1.15 8.88
N ILE A 13 0.65 0.11 8.50
CA ILE A 13 1.02 -0.92 9.45
C ILE A 13 2.52 -0.86 9.77
N LEU A 14 3.06 0.35 9.84
CA LEU A 14 4.46 0.54 10.21
C LEU A 14 4.56 1.15 11.59
N ILE A 1 -3.83 -2.07 -13.11
CA ILE A 1 -3.33 -2.87 -11.96
C ILE A 1 -3.39 -2.02 -10.68
N ASN A 2 -3.93 -2.56 -9.58
CA ASN A 2 -4.10 -1.77 -8.36
C ASN A 2 -3.16 -2.30 -7.29
N LEU A 3 -2.03 -2.81 -7.74
CA LEU A 3 -1.00 -3.30 -6.87
C LEU A 3 -0.37 -2.17 -6.08
N LYS A 4 -0.24 -1.02 -6.75
CA LYS A 4 0.38 0.16 -6.16
C LYS A 4 -0.40 0.62 -4.93
N ILE A 5 -1.67 0.25 -4.86
CA ILE A 5 -2.52 0.59 -3.70
C ILE A 5 -1.89 0.06 -2.41
N LEU A 6 -1.26 -1.11 -2.49
CA LEU A 6 -0.62 -1.73 -1.29
C LEU A 6 0.57 -0.90 -0.80
N ALA A 7 1.05 0.04 -1.62
CA ALA A 7 2.24 0.82 -1.26
C ALA A 7 1.93 1.82 -0.16
N ARG A 8 0.70 2.32 -0.15
CA ARG A 8 0.32 3.33 0.93
C ARG A 8 -0.29 2.57 2.11
N LEU A 9 -0.90 1.43 1.81
CA LEU A 9 -1.45 0.56 2.84
C LEU A 9 -0.33 0.08 3.76
N ALA A 10 0.82 -0.22 3.15
CA ALA A 10 2.01 -0.62 3.89
C ALA A 10 2.42 0.45 4.90
N LYS A 11 2.33 1.72 4.51
CA LYS A 11 2.66 2.84 5.41
C LYS A 11 1.78 2.84 6.66
N LYS A 12 0.52 2.45 6.49
CA LYS A 12 -0.40 2.33 7.63
C LYS A 12 0.06 1.23 8.60
N ILE A 13 0.69 0.17 8.09
CA ILE A 13 1.12 -0.95 8.92
C ILE A 13 2.58 -0.75 9.34
N LEU A 14 2.89 0.48 9.75
CA LEU A 14 4.24 0.77 10.26
C LEU A 14 4.17 1.07 11.75
#